data_6MRA
#
_entry.id   6MRA
#
_cell.length_a   49.447
_cell.length_b   74.229
_cell.length_c   115.578
_cell.angle_alpha   90.00
_cell.angle_beta   90.00
_cell.angle_gamma   90.00
#
_symmetry.space_group_name_H-M   'P 21 21 21'
#
loop_
_entity.id
_entity.type
_entity.pdbx_description
1 polymer 'TCR alpha chain'
2 polymer 'TCR beta-chain'
3 water water
#
loop_
_entity_poly.entity_id
_entity_poly.type
_entity_poly.pdbx_seq_one_letter_code
_entity_poly.pdbx_strand_id
1 'polypeptide(L)'
;MGMPVEQNPPALSLYEGADSGLRCNFSTTMKSVQWFQQNHRGRLITLFYLAQGTKENGRLKSTFNSKERYSTLHIKDAQL
EDSGTYFCAAVNMGYKLTFGTGTSLLVDPNIQNPDPAVYQLRDSKSSDKSVCLFTDFDSQTNVSQSKDSDVYITDKCVLD
MRSMDFKSNSAVAWSNKSDFACANAFNNSIIPEDTFFPSPESS
;
A
2 'polypeptide(L)'
;MEAAVTQSPRNKVAVTGGKVTLSCNQTNNHNNMYWYRQDTGHGLRLIHYSYGAGSTEKGDIPDGYKASRPSQENFSLILE
LATPSQTSVYFCASGDPQGVSYEQYFGPGTRLTVLEDLKNVFPPEVAVFEPSEAEISHTQKATLVCLATGFYPDHVELSW
WVNGKEVHSGVCTDPQPLKEQPALNDSRYALSSRLRVSATFWQNPRNHFRCQVQFYGLSENDEWTQDRAKPVTQIVSAEA
WGRAD
;
B
#
# COMPACT_ATOMS: atom_id res chain seq x y z
N MET A 3 8.42 -19.67 15.86
CA MET A 3 7.27 -19.84 14.95
C MET A 3 7.64 -20.78 13.76
N PRO A 4 6.63 -21.42 13.09
CA PRO A 4 6.95 -22.35 11.99
C PRO A 4 7.76 -21.74 10.83
N VAL A 5 7.47 -20.49 10.46
CA VAL A 5 8.16 -19.77 9.39
C VAL A 5 8.68 -18.44 9.98
N GLU A 6 10.01 -18.27 10.00
CA GLU A 6 10.73 -17.11 10.55
CA GLU A 6 10.67 -17.07 10.53
C GLU A 6 11.44 -16.38 9.42
N GLN A 7 11.24 -15.08 9.30
CA GLN A 7 11.89 -14.28 8.26
C GLN A 7 12.89 -13.33 8.84
N ASN A 8 14.04 -13.22 8.17
CA ASN A 8 15.11 -12.27 8.55
C ASN A 8 15.67 -11.52 7.36
N PRO A 9 15.99 -10.22 7.54
CA PRO A 9 15.69 -9.39 8.73
C PRO A 9 14.20 -8.97 8.78
N PRO A 10 13.63 -8.46 9.91
CA PRO A 10 12.24 -7.93 9.87
C PRO A 10 12.10 -6.73 8.95
N ALA A 11 13.15 -5.89 8.88
CA ALA A 11 13.17 -4.67 8.06
C ALA A 11 14.53 -4.51 7.42
N LEU A 12 14.58 -3.87 6.25
CA LEU A 12 15.80 -3.70 5.50
C LEU A 12 15.76 -2.40 4.75
N SER A 13 16.87 -1.66 4.82
CA SER A 13 17.06 -0.45 4.04
C SER A 13 18.23 -0.71 3.11
N LEU A 14 18.08 -0.42 1.84
CA LEU A 14 19.20 -0.56 0.94
C LEU A 14 19.21 0.57 -0.09
N TYR A 15 20.37 0.82 -0.68
CA TYR A 15 20.53 1.85 -1.70
C TYR A 15 20.28 1.27 -3.06
N GLU A 16 19.79 2.09 -3.99
CA GLU A 16 19.59 1.68 -5.38
C GLU A 16 20.93 1.14 -5.94
N GLY A 17 20.85 0.05 -6.69
CA GLY A 17 22.01 -0.58 -7.30
C GLY A 17 22.71 -1.59 -6.40
N ALA A 18 22.36 -1.61 -5.10
CA ALA A 18 22.94 -2.56 -4.14
C ALA A 18 22.25 -3.94 -4.20
N ASP A 19 22.89 -4.93 -3.62
CA ASP A 19 22.39 -6.30 -3.49
C ASP A 19 22.03 -6.61 -2.05
N SER A 20 21.14 -7.60 -1.85
CA SER A 20 20.76 -8.03 -0.51
C SER A 20 20.19 -9.42 -0.56
N GLY A 21 20.36 -10.15 0.53
CA GLY A 21 19.83 -11.48 0.66
C GLY A 21 18.87 -11.55 1.82
N LEU A 22 17.66 -12.04 1.55
CA LEU A 22 16.63 -12.24 2.54
CA LEU A 22 16.63 -12.24 2.55
C LEU A 22 16.64 -13.69 2.98
N ARG A 23 16.31 -13.95 4.25
CA ARG A 23 16.35 -15.30 4.81
C ARG A 23 15.01 -15.71 5.39
N CYS A 24 14.76 -17.00 5.34
CA CYS A 24 13.57 -17.61 5.85
C CYS A 24 13.93 -18.98 6.40
N ASN A 25 13.57 -19.24 7.65
CA ASN A 25 13.88 -20.47 8.39
C ASN A 25 12.62 -21.14 8.84
N PHE A 26 12.63 -22.48 8.80
CA PHE A 26 11.47 -23.30 9.17
C PHE A 26 11.72 -24.14 10.41
N SER A 27 10.66 -24.36 11.19
CA SER A 27 10.72 -25.18 12.42
C SER A 27 10.57 -26.68 12.12
N THR A 28 10.02 -27.02 10.95
CA THR A 28 9.76 -28.40 10.51
C THR A 28 10.20 -28.62 9.06
N THR A 29 10.01 -29.88 8.57
CA THR A 29 10.30 -30.23 7.18
C THR A 29 9.19 -29.65 6.31
N MET A 30 9.58 -28.84 5.32
CA MET A 30 8.61 -28.23 4.40
C MET A 30 8.71 -28.89 3.03
N LYS A 31 7.58 -28.99 2.33
CA LYS A 31 7.49 -29.57 0.99
C LYS A 31 7.87 -28.57 -0.07
N SER A 32 7.60 -27.27 0.17
CA SER A 32 7.82 -26.23 -0.80
C SER A 32 7.84 -24.85 -0.13
N VAL A 33 8.26 -23.84 -0.88
CA VAL A 33 8.30 -22.45 -0.47
C VAL A 33 7.74 -21.60 -1.61
N GLN A 34 7.07 -20.52 -1.24
CA GLN A 34 6.54 -19.52 -2.15
C GLN A 34 6.92 -18.16 -1.58
N TRP A 35 7.57 -17.37 -2.42
CA TRP A 35 8.01 -16.01 -2.08
C TRP A 35 7.14 -15.01 -2.80
N PHE A 36 6.78 -13.96 -2.10
CA PHE A 36 5.97 -12.88 -2.67
C PHE A 36 6.55 -11.52 -2.43
N GLN A 37 6.19 -10.57 -3.31
CA GLN A 37 6.45 -9.15 -3.05
C GLN A 37 5.10 -8.48 -2.97
N GLN A 38 4.88 -7.70 -1.92
CA GLN A 38 3.66 -6.92 -1.81
C GLN A 38 4.06 -5.46 -1.92
N ASN A 39 3.73 -4.82 -3.04
CA ASN A 39 4.10 -3.41 -3.21
C ASN A 39 3.09 -2.49 -2.45
N HIS A 40 3.25 -1.14 -2.58
CA HIS A 40 2.41 -0.11 -1.94
C HIS A 40 0.92 -0.25 -2.32
N ARG A 41 0.65 -0.81 -3.51
CA ARG A 41 -0.70 -1.04 -4.04
C ARG A 41 -1.42 -2.24 -3.36
N GLY A 42 -0.69 -3.01 -2.53
CA GLY A 42 -1.23 -4.14 -1.76
C GLY A 42 -1.37 -5.47 -2.45
N ARG A 43 -0.99 -5.55 -3.74
CA ARG A 43 -1.07 -6.80 -4.51
C ARG A 43 0.03 -7.77 -4.07
N LEU A 44 -0.32 -9.06 -3.85
CA LEU A 44 0.65 -10.12 -3.51
C LEU A 44 1.14 -10.75 -4.80
N ILE A 45 2.37 -10.42 -5.19
CA ILE A 45 2.93 -10.90 -6.45
C ILE A 45 3.88 -12.08 -6.19
N THR A 46 3.59 -13.23 -6.82
CA THR A 46 4.45 -14.40 -6.67
C THR A 46 5.78 -14.13 -7.36
N LEU A 47 6.88 -14.23 -6.62
CA LEU A 47 8.24 -14.11 -7.13
C LEU A 47 8.76 -15.48 -7.53
N PHE A 48 8.52 -16.50 -6.66
CA PHE A 48 8.97 -17.87 -6.87
C PHE A 48 8.07 -18.86 -6.19
N TYR A 49 8.03 -20.07 -6.73
CA TYR A 49 7.49 -21.28 -6.12
C TYR A 49 8.59 -22.33 -6.31
N LEU A 50 9.07 -22.96 -5.23
CA LEU A 50 10.14 -23.98 -5.26
C LEU A 50 9.84 -25.17 -4.43
N ALA A 51 10.05 -26.38 -4.99
CA ALA A 51 9.91 -27.64 -4.26
C ALA A 51 11.29 -28.13 -3.84
N GLN A 52 12.36 -27.50 -4.39
CA GLN A 52 13.77 -27.81 -4.18
C GLN A 52 14.66 -26.88 -5.01
N GLY A 53 15.96 -26.98 -4.78
CA GLY A 53 16.97 -26.29 -5.58
C GLY A 53 16.92 -24.79 -5.60
N THR A 54 17.26 -24.21 -6.77
CA THR A 54 17.37 -22.77 -7.02
C THR A 54 16.62 -22.35 -8.30
N LYS A 55 16.09 -21.12 -8.30
CA LYS A 55 15.42 -20.54 -9.46
C LYS A 55 15.86 -19.09 -9.62
N GLU A 56 15.88 -18.58 -10.86
CA GLU A 56 16.18 -17.18 -11.16
C GLU A 56 14.91 -16.52 -11.74
N ASN A 57 14.67 -15.24 -11.41
CA ASN A 57 13.54 -14.45 -11.94
C ASN A 57 14.03 -13.02 -12.06
N GLY A 58 14.54 -12.66 -13.23
CA GLY A 58 15.07 -11.32 -13.48
C GLY A 58 16.29 -11.09 -12.59
N ARG A 59 16.26 -10.02 -11.77
CA ARG A 59 17.33 -9.69 -10.80
C ARG A 59 17.22 -10.49 -9.48
N LEU A 60 16.22 -11.38 -9.39
CA LEU A 60 16.02 -12.18 -8.17
C LEU A 60 16.49 -13.62 -8.35
N LYS A 61 16.93 -14.21 -7.24
CA LYS A 61 17.33 -15.63 -7.20
C LYS A 61 16.80 -16.19 -5.90
N SER A 62 16.27 -17.41 -5.91
CA SER A 62 15.82 -18.03 -4.66
C SER A 62 16.30 -19.48 -4.56
N THR A 63 16.63 -19.94 -3.32
CA THR A 63 17.08 -21.29 -3.02
C THR A 63 16.20 -21.84 -1.90
N PHE A 64 15.82 -23.11 -2.01
CA PHE A 64 15.07 -23.81 -0.98
C PHE A 64 15.83 -25.08 -0.59
N ASN A 65 16.03 -25.28 0.71
CA ASN A 65 16.69 -26.49 1.24
C ASN A 65 15.82 -27.05 2.32
N SER A 66 14.99 -28.07 1.99
CA SER A 66 14.06 -28.66 2.96
C SER A 66 14.78 -29.28 4.16
N LYS A 67 15.88 -30.04 3.90
CA LYS A 67 16.66 -30.74 4.93
C LYS A 67 17.27 -29.77 5.96
N GLU A 68 17.85 -28.64 5.47
CA GLU A 68 18.47 -27.62 6.33
C GLU A 68 17.44 -26.60 6.83
N ARG A 69 16.17 -26.78 6.46
CA ARG A 69 15.01 -25.98 6.88
C ARG A 69 15.16 -24.46 6.60
N TYR A 70 15.60 -24.09 5.38
CA TYR A 70 15.70 -22.66 5.04
C TYR A 70 15.40 -22.39 3.58
N SER A 71 15.17 -21.12 3.30
CA SER A 71 15.04 -20.58 1.95
C SER A 71 15.63 -19.20 1.95
N THR A 72 16.25 -18.81 0.83
CA THR A 72 16.80 -17.47 0.64
C THR A 72 16.20 -16.83 -0.60
N LEU A 73 16.22 -15.51 -0.60
CA LEU A 73 15.81 -14.66 -1.71
CA LEU A 73 15.81 -14.66 -1.71
C LEU A 73 16.87 -13.59 -1.86
N HIS A 74 17.48 -13.51 -3.04
CA HIS A 74 18.52 -12.56 -3.33
C HIS A 74 18.01 -11.54 -4.30
N ILE A 75 18.34 -10.27 -4.06
CA ILE A 75 18.01 -9.19 -4.97
C ILE A 75 19.32 -8.61 -5.48
N LYS A 76 19.51 -8.56 -6.80
CA LYS A 76 20.67 -7.91 -7.40
C LYS A 76 20.28 -6.51 -7.89
N ASP A 77 21.21 -5.54 -7.79
CA ASP A 77 21.07 -4.22 -8.40
C ASP A 77 19.68 -3.61 -8.09
N ALA A 78 19.39 -3.43 -6.81
CA ALA A 78 18.10 -2.96 -6.32
C ALA A 78 17.57 -1.73 -7.08
N GLN A 79 16.29 -1.79 -7.46
CA GLN A 79 15.59 -0.68 -8.13
C GLN A 79 14.53 -0.14 -7.19
N LEU A 80 14.10 1.13 -7.37
CA LEU A 80 13.08 1.71 -6.46
C LEU A 80 11.81 0.85 -6.40
N GLU A 81 11.47 0.17 -7.51
CA GLU A 81 10.26 -0.68 -7.59
C GLU A 81 10.34 -1.92 -6.67
N ASP A 82 11.54 -2.24 -6.16
CA ASP A 82 11.70 -3.40 -5.26
C ASP A 82 11.14 -3.14 -3.87
N SER A 83 10.92 -1.85 -3.50
CA SER A 83 10.38 -1.54 -2.17
C SER A 83 9.05 -2.25 -1.96
N GLY A 84 8.84 -2.73 -0.74
CA GLY A 84 7.62 -3.42 -0.39
C GLY A 84 7.90 -4.46 0.67
N THR A 85 6.90 -5.28 0.97
CA THR A 85 7.07 -6.33 1.95
C THR A 85 7.27 -7.65 1.21
N TYR A 86 8.26 -8.42 1.65
CA TYR A 86 8.59 -9.72 1.04
C TYR A 86 8.16 -10.82 1.95
N PHE A 87 7.23 -11.65 1.47
CA PHE A 87 6.75 -12.76 2.30
C PHE A 87 7.28 -14.09 1.85
N CYS A 88 7.60 -14.91 2.84
CA CYS A 88 8.02 -16.29 2.69
CA CYS A 88 8.02 -16.29 2.69
C CYS A 88 6.88 -17.15 3.21
N ALA A 89 6.44 -18.15 2.44
CA ALA A 89 5.37 -19.03 2.93
C ALA A 89 5.71 -20.43 2.52
N ALA A 90 5.56 -21.39 3.44
CA ALA A 90 5.95 -22.77 3.19
C ALA A 90 4.85 -23.75 3.52
N VAL A 91 4.85 -24.89 2.77
CA VAL A 91 3.85 -25.97 2.91
C VAL A 91 4.43 -27.06 3.77
N ASN A 92 3.72 -27.37 4.87
CA ASN A 92 4.10 -28.38 5.84
C ASN A 92 3.65 -29.78 5.37
N MET A 93 4.00 -30.83 6.15
CA MET A 93 3.62 -32.20 5.81
C MET A 93 2.08 -32.40 5.92
N GLY A 94 1.40 -31.43 6.54
CA GLY A 94 -0.05 -31.37 6.65
C GLY A 94 -0.69 -30.70 5.44
N TYR A 95 0.14 -30.26 4.46
CA TYR A 95 -0.22 -29.65 3.16
C TYR A 95 -0.82 -28.23 3.28
N LYS A 96 -0.66 -27.57 4.40
CA LYS A 96 -1.19 -26.21 4.56
C LYS A 96 -0.06 -25.20 4.32
N LEU A 97 -0.38 -24.09 3.65
CA LEU A 97 0.58 -23.00 3.37
CA LEU A 97 0.57 -23.01 3.36
C LEU A 97 0.64 -22.08 4.59
N THR A 98 1.84 -21.93 5.19
CA THR A 98 2.04 -21.12 6.41
C THR A 98 2.91 -19.95 6.05
N PHE A 99 2.51 -18.74 6.46
CA PHE A 99 3.20 -17.50 6.14
C PHE A 99 4.08 -16.99 7.23
N GLY A 100 5.20 -16.44 6.81
CA GLY A 100 6.09 -15.65 7.65
C GLY A 100 5.45 -14.28 7.84
N THR A 101 6.02 -13.44 8.70
CA THR A 101 5.42 -12.13 8.98
C THR A 101 6.00 -11.02 8.06
N GLY A 102 6.90 -11.40 7.16
CA GLY A 102 7.45 -10.53 6.12
C GLY A 102 8.69 -9.73 6.48
N THR A 103 9.45 -9.41 5.45
CA THR A 103 10.61 -8.51 5.53
C THR A 103 10.18 -7.21 4.82
N SER A 104 10.22 -6.07 5.54
CA SER A 104 9.84 -4.80 4.95
C SER A 104 11.08 -4.16 4.31
N LEU A 105 11.11 -4.02 2.98
CA LEU A 105 12.26 -3.48 2.27
C LEU A 105 12.00 -2.07 1.75
N LEU A 106 12.93 -1.15 2.03
CA LEU A 106 12.86 0.21 1.48
C LEU A 106 14.12 0.49 0.69
N VAL A 107 13.98 0.84 -0.59
CA VAL A 107 15.11 1.16 -1.46
C VAL A 107 15.24 2.70 -1.49
N ASP A 108 16.42 3.19 -1.11
CA ASP A 108 16.78 4.61 -1.09
C ASP A 108 17.57 5.01 -2.32
N PRO A 109 17.36 6.25 -2.85
CA PRO A 109 18.17 6.70 -3.97
C PRO A 109 19.56 7.10 -3.52
N ASN A 110 20.52 7.15 -4.46
CA ASN A 110 21.87 7.68 -4.20
C ASN A 110 21.83 9.10 -4.69
N ILE A 111 21.64 10.06 -3.78
CA ILE A 111 21.48 11.46 -4.16
C ILE A 111 22.80 12.02 -4.69
N GLN A 112 22.79 12.46 -5.96
CA GLN A 112 24.02 12.89 -6.62
C GLN A 112 24.58 14.20 -6.10
N ASN A 113 23.74 15.21 -5.91
CA ASN A 113 24.20 16.51 -5.43
C ASN A 113 23.29 16.96 -4.27
N PRO A 114 23.51 16.45 -3.02
CA PRO A 114 22.61 16.84 -1.89
C PRO A 114 22.60 18.35 -1.67
N ASP A 115 21.40 18.92 -1.51
CA ASP A 115 21.25 20.36 -1.35
C ASP A 115 19.99 20.57 -0.52
N PRO A 116 19.99 20.08 0.74
CA PRO A 116 18.76 20.17 1.57
C PRO A 116 18.22 21.59 1.57
N ALA A 117 16.95 21.72 1.22
CA ALA A 117 16.33 23.02 1.12
C ALA A 117 14.89 23.01 1.60
N VAL A 118 14.46 24.09 2.27
CA VAL A 118 13.08 24.26 2.74
C VAL A 118 12.44 25.38 1.92
N TYR A 119 11.31 25.10 1.27
CA TYR A 119 10.59 26.07 0.46
C TYR A 119 9.17 26.21 0.93
N GLN A 120 8.60 27.42 0.80
CA GLN A 120 7.21 27.66 1.15
C GLN A 120 6.36 27.64 -0.13
N LEU A 121 5.25 26.88 -0.10
CA LEU A 121 4.33 26.77 -1.23
C LEU A 121 2.98 27.29 -0.82
N ARG A 122 2.35 28.11 -1.65
CA ARG A 122 0.98 28.56 -1.31
C ARG A 122 -0.06 27.78 -2.02
N ASP A 123 -1.28 27.75 -1.45
CA ASP A 123 -2.43 27.06 -2.02
C ASP A 123 -2.82 27.71 -3.34
N SER A 124 -3.18 26.88 -4.34
CA SER A 124 -3.63 27.36 -5.66
C SER A 124 -4.96 28.14 -5.51
N LYS A 125 -5.76 27.81 -4.47
CA LYS A 125 -7.00 28.52 -4.13
C LYS A 125 -6.74 29.50 -2.96
N SER A 126 -7.70 30.38 -2.66
CA SER A 126 -7.62 31.37 -1.58
C SER A 126 -7.59 30.71 -0.20
N LYS A 129 -4.27 27.80 5.51
CA LYS A 129 -3.45 26.59 5.46
C LYS A 129 -2.15 26.84 4.66
N SER A 130 -0.97 26.77 5.31
CA SER A 130 0.33 26.99 4.66
C SER A 130 1.12 25.68 4.52
N VAL A 131 1.84 25.46 3.39
CA VAL A 131 2.62 24.23 3.18
C VAL A 131 4.11 24.53 2.99
N CYS A 132 4.98 23.77 3.72
CA CYS A 132 6.45 23.80 3.67
C CYS A 132 6.96 22.52 3.04
N LEU A 133 7.86 22.64 2.10
CA LEU A 133 8.50 21.52 1.44
C LEU A 133 9.97 21.40 1.85
N PHE A 134 10.39 20.25 2.26
CA PHE A 134 11.79 19.96 2.55
C PHE A 134 12.22 19.03 1.46
N THR A 135 13.22 19.41 0.68
CA THR A 135 13.61 18.58 -0.46
C THR A 135 15.09 18.59 -0.71
N ASP A 136 15.52 17.65 -1.56
CA ASP A 136 16.87 17.54 -2.12
C ASP A 136 17.93 17.14 -1.05
N PHE A 137 17.46 16.52 0.06
CA PHE A 137 18.36 16.05 1.12
C PHE A 137 18.85 14.62 0.78
N ASP A 138 19.97 14.20 1.38
CA ASP A 138 20.51 12.88 1.06
C ASP A 138 19.68 11.82 1.76
N SER A 139 19.81 10.56 1.34
CA SER A 139 18.98 9.49 1.86
C SER A 139 19.32 9.08 3.29
N GLN A 140 20.45 9.61 3.86
CA GLN A 140 20.84 9.31 5.24
C GLN A 140 20.06 10.19 6.22
N THR A 141 19.40 11.24 5.70
CA THR A 141 18.57 12.14 6.48
C THR A 141 17.28 11.45 6.91
N ASN A 142 16.98 11.56 8.20
CA ASN A 142 15.76 11.03 8.81
C ASN A 142 14.90 12.24 9.15
N VAL A 143 13.63 12.22 8.72
CA VAL A 143 12.73 13.33 8.99
C VAL A 143 11.96 13.01 10.26
N SER A 144 12.11 13.88 11.27
CA SER A 144 11.47 13.70 12.58
C SER A 144 10.18 14.55 12.73
N GLN A 145 9.54 14.48 13.93
CA GLN A 145 8.35 15.22 14.40
C GLN A 145 7.11 14.91 13.55
N SER A 149 1.68 19.93 17.70
CA SER A 149 0.30 19.46 17.89
C SER A 149 -0.61 19.98 16.77
N ASP A 150 -0.55 21.30 16.50
CA ASP A 150 -1.30 21.94 15.43
C ASP A 150 -0.54 21.88 14.08
N VAL A 151 0.67 21.26 14.08
CA VAL A 151 1.59 21.11 12.94
C VAL A 151 1.72 19.61 12.55
N TYR A 152 1.88 19.35 11.26
CA TYR A 152 2.02 17.99 10.72
C TYR A 152 3.27 17.91 9.88
N ILE A 153 4.05 16.84 10.04
CA ILE A 153 5.26 16.59 9.25
C ILE A 153 5.18 15.17 8.73
N THR A 154 5.31 15.00 7.42
CA THR A 154 5.21 13.66 6.82
C THR A 154 6.53 12.95 6.88
N ASP A 155 6.53 11.66 6.52
CA ASP A 155 7.77 10.93 6.34
C ASP A 155 8.30 11.32 4.96
N LYS A 156 9.51 10.93 4.65
CA LYS A 156 10.06 11.23 3.34
C LYS A 156 9.55 10.26 2.26
N CYS A 157 9.63 10.69 0.98
CA CYS A 157 9.43 9.80 -0.16
C CYS A 157 10.38 10.22 -1.26
N VAL A 158 10.73 9.26 -2.13
CA VAL A 158 11.60 9.50 -3.27
C VAL A 158 10.76 9.55 -4.53
N LEU A 159 11.01 10.59 -5.34
CA LEU A 159 10.40 10.76 -6.64
C LEU A 159 11.49 10.63 -7.71
N ASP A 160 11.11 10.10 -8.86
CA ASP A 160 12.03 9.88 -9.97
C ASP A 160 11.58 10.70 -11.18
N MET A 161 12.27 11.82 -11.43
CA MET A 161 12.07 12.67 -12.60
C MET A 161 12.84 12.02 -13.71
N ARG A 162 12.27 10.94 -14.28
CA ARG A 162 12.92 10.17 -15.33
C ARG A 162 13.29 11.00 -16.57
N SER A 163 12.53 12.08 -16.87
CA SER A 163 12.76 12.94 -18.03
C SER A 163 14.15 13.60 -17.97
N MET A 164 14.70 13.69 -16.74
CA MET A 164 16.00 14.32 -16.46
C MET A 164 16.99 13.33 -15.83
N ASP A 165 16.59 12.04 -15.68
CA ASP A 165 17.38 10.98 -15.02
C ASP A 165 17.85 11.53 -13.67
N PHE A 166 16.87 12.03 -12.89
CA PHE A 166 17.09 12.70 -11.62
C PHE A 166 16.15 12.16 -10.58
N LYS A 167 16.66 11.91 -9.35
CA LYS A 167 15.84 11.46 -8.23
C LYS A 167 16.00 12.39 -7.05
N SER A 168 14.91 12.58 -6.29
CA SER A 168 15.01 13.46 -5.12
C SER A 168 14.10 13.01 -3.99
N ASN A 169 14.56 13.27 -2.77
CA ASN A 169 13.76 12.99 -1.57
C ASN A 169 12.99 14.25 -1.17
N SER A 170 11.86 14.09 -0.46
CA SER A 170 11.13 15.25 0.08
C SER A 170 10.25 14.84 1.21
N ALA A 171 9.90 15.80 2.03
CA ALA A 171 8.90 15.66 3.07
C ALA A 171 8.14 16.95 3.12
N VAL A 172 6.95 16.92 3.72
CA VAL A 172 6.08 18.08 3.78
C VAL A 172 5.70 18.37 5.22
N ALA A 173 5.55 19.65 5.54
CA ALA A 173 5.01 20.12 6.83
C ALA A 173 3.90 21.13 6.59
N TRP A 174 2.83 21.11 7.42
CA TRP A 174 1.79 22.13 7.28
C TRP A 174 1.13 22.39 8.63
N SER A 175 0.40 23.50 8.69
CA SER A 175 -0.36 23.95 9.85
C SER A 175 -1.33 25.05 9.47
N ASN A 176 -2.38 25.21 10.30
CA ASN A 176 -3.42 26.24 10.20
C ASN A 176 -3.03 27.42 11.11
N LYS A 177 -2.23 27.12 12.16
CA LYS A 177 -1.75 28.05 13.18
C LYS A 177 -1.00 29.24 12.56
N SER A 178 -1.17 30.42 13.17
CA SER A 178 -0.58 31.69 12.74
C SER A 178 0.93 31.75 12.97
N ASP A 179 1.41 31.18 14.09
CA ASP A 179 2.83 31.18 14.49
C ASP A 179 3.69 30.18 13.67
N PHE A 180 3.11 29.47 12.70
CA PHE A 180 3.86 28.51 11.90
C PHE A 180 4.55 29.18 10.70
N ALA A 181 5.86 28.94 10.57
CA ALA A 181 6.65 29.43 9.45
C ALA A 181 7.59 28.31 9.01
N CYS A 182 7.98 28.31 7.74
CA CYS A 182 8.83 27.26 7.21
C CYS A 182 10.25 27.30 7.81
N ALA A 183 10.72 28.47 8.29
CA ALA A 183 12.02 28.62 8.97
C ALA A 183 12.07 27.75 10.24
N ASN A 184 10.93 27.62 10.94
CA ASN A 184 10.74 26.81 12.13
C ASN A 184 9.66 25.77 11.85
N ALA A 185 10.00 24.78 11.00
CA ALA A 185 9.08 23.72 10.60
C ALA A 185 9.72 22.33 10.71
N PHE A 186 10.92 22.14 10.13
CA PHE A 186 11.62 20.86 10.10
C PHE A 186 12.73 20.79 11.15
N VAL B 5 -7.49 -14.77 -10.36
CA VAL B 5 -8.40 -14.78 -9.19
C VAL B 5 -8.90 -13.36 -8.97
N THR B 6 -10.22 -13.19 -8.89
CA THR B 6 -10.81 -11.87 -8.68
C THR B 6 -11.61 -11.84 -7.36
N GLN B 7 -11.74 -10.66 -6.76
CA GLN B 7 -12.46 -10.48 -5.51
C GLN B 7 -13.40 -9.32 -5.60
N SER B 8 -14.56 -9.44 -4.97
CA SER B 8 -15.55 -8.37 -4.93
CA SER B 8 -15.57 -8.39 -4.93
C SER B 8 -16.27 -8.37 -3.56
N PRO B 9 -16.45 -7.18 -2.94
CA PRO B 9 -15.99 -5.84 -3.37
C PRO B 9 -14.49 -5.68 -3.08
N ARG B 10 -13.84 -4.67 -3.62
CA ARG B 10 -12.41 -4.49 -3.35
C ARG B 10 -12.20 -3.70 -2.03
N ASN B 11 -13.21 -2.92 -1.66
CA ASN B 11 -13.25 -2.10 -0.45
C ASN B 11 -14.66 -2.11 0.10
N LYS B 12 -14.77 -2.18 1.44
CA LYS B 12 -16.07 -2.18 2.09
C LYS B 12 -16.01 -1.56 3.48
N VAL B 13 -17.04 -0.75 3.80
CA VAL B 13 -17.26 -0.15 5.12
C VAL B 13 -18.52 -0.80 5.65
N ALA B 14 -18.46 -1.39 6.85
CA ALA B 14 -19.58 -2.08 7.48
C ALA B 14 -19.74 -1.62 8.93
N VAL B 15 -20.96 -1.78 9.48
CA VAL B 15 -21.24 -1.41 10.88
C VAL B 15 -21.13 -2.65 11.73
N THR B 16 -20.70 -2.50 13.01
CA THR B 16 -20.68 -3.57 14.00
C THR B 16 -22.07 -4.17 14.02
N GLY B 17 -22.16 -5.48 13.90
CA GLY B 17 -23.43 -6.21 13.95
C GLY B 17 -24.11 -6.41 12.61
N GLY B 18 -23.53 -5.81 11.57
CA GLY B 18 -24.05 -5.95 10.22
C GLY B 18 -23.55 -7.22 9.55
N LYS B 19 -24.22 -7.63 8.48
CA LYS B 19 -23.80 -8.82 7.72
C LYS B 19 -22.95 -8.38 6.53
N VAL B 20 -21.79 -9.03 6.32
CA VAL B 20 -20.86 -8.74 5.21
C VAL B 20 -20.56 -10.04 4.46
N THR B 21 -20.61 -10.02 3.12
CA THR B 21 -20.26 -11.13 2.27
C THR B 21 -19.15 -10.66 1.32
N LEU B 22 -18.02 -11.36 1.33
CA LEU B 22 -16.89 -11.12 0.45
C LEU B 22 -16.88 -12.24 -0.56
N SER B 23 -16.76 -11.88 -1.83
CA SER B 23 -16.84 -12.87 -2.91
CA SER B 23 -16.84 -12.85 -2.93
C SER B 23 -15.52 -13.04 -3.62
N CYS B 24 -15.26 -14.26 -4.08
CA CYS B 24 -14.04 -14.59 -4.79
C CYS B 24 -14.41 -15.46 -5.99
N ASN B 25 -13.79 -15.20 -7.14
CA ASN B 25 -14.04 -15.95 -8.38
C ASN B 25 -12.74 -16.31 -9.03
N GLN B 26 -12.60 -17.59 -9.45
CA GLN B 26 -11.39 -18.04 -10.14
C GLN B 26 -11.79 -18.67 -11.47
N THR B 27 -10.93 -18.54 -12.47
CA THR B 27 -11.19 -19.10 -13.82
C THR B 27 -10.15 -20.20 -14.14
N ASN B 28 -9.45 -20.70 -13.10
CA ASN B 28 -8.37 -21.69 -13.20
C ASN B 28 -8.82 -23.15 -13.09
N ASN B 29 -10.12 -23.38 -12.75
CA ASN B 29 -10.70 -24.71 -12.55
C ASN B 29 -9.90 -25.49 -11.49
N HIS B 30 -9.45 -24.79 -10.46
CA HIS B 30 -8.71 -25.36 -9.34
C HIS B 30 -9.67 -25.94 -8.33
N ASN B 31 -9.37 -27.13 -7.80
CA ASN B 31 -10.24 -27.78 -6.81
C ASN B 31 -10.24 -27.05 -5.46
N ASN B 32 -9.10 -26.43 -5.10
CA ASN B 32 -8.98 -25.80 -3.79
C ASN B 32 -9.06 -24.29 -3.83
N MET B 33 -9.81 -23.72 -2.89
CA MET B 33 -9.93 -22.28 -2.71
C MET B 33 -9.73 -21.95 -1.25
N TYR B 34 -9.21 -20.75 -0.96
CA TYR B 34 -8.81 -20.38 0.39
C TYR B 34 -9.18 -18.95 0.70
N TRP B 35 -9.51 -18.65 1.96
CA TRP B 35 -9.73 -17.28 2.42
C TRP B 35 -8.77 -17.02 3.55
N TYR B 36 -7.99 -15.92 3.42
CA TYR B 36 -7.01 -15.44 4.38
C TYR B 36 -7.33 -14.02 4.81
N ARG B 37 -6.78 -13.64 5.97
CA ARG B 37 -6.76 -12.26 6.38
C ARG B 37 -5.32 -11.88 6.68
N GLN B 38 -4.96 -10.65 6.32
CA GLN B 38 -3.63 -10.11 6.55
C GLN B 38 -3.66 -9.06 7.63
N ASP B 39 -2.76 -9.20 8.59
CA ASP B 39 -2.65 -8.27 9.73
C ASP B 39 -1.20 -8.13 10.13
N THR B 40 -0.79 -6.91 10.49
CA THR B 40 0.59 -6.60 10.93
CA THR B 40 0.60 -6.62 10.90
C THR B 40 0.99 -7.55 12.06
N GLY B 41 2.17 -8.16 11.92
CA GLY B 41 2.73 -9.12 12.89
C GLY B 41 2.17 -10.51 12.76
N HIS B 42 1.36 -10.75 11.68
CA HIS B 42 0.77 -12.07 11.51
C HIS B 42 0.83 -12.60 10.07
N GLY B 43 1.39 -11.85 9.12
CA GLY B 43 1.41 -12.27 7.73
C GLY B 43 -0.03 -12.49 7.25
N LEU B 44 -0.27 -13.60 6.56
CA LEU B 44 -1.62 -14.00 6.15
C LEU B 44 -1.99 -15.27 6.95
N ARG B 45 -3.19 -15.31 7.52
CA ARG B 45 -3.67 -16.45 8.28
C ARG B 45 -4.95 -17.02 7.64
N LEU B 46 -5.02 -18.34 7.56
CA LEU B 46 -6.13 -19.03 6.92
C LEU B 46 -7.38 -19.01 7.80
N ILE B 47 -8.52 -18.59 7.20
CA ILE B 47 -9.80 -18.51 7.90
C ILE B 47 -10.65 -19.77 7.60
N HIS B 48 -10.96 -20.00 6.30
CA HIS B 48 -11.68 -21.13 5.76
C HIS B 48 -11.08 -21.53 4.44
N TYR B 49 -11.30 -22.78 4.08
CA TYR B 49 -10.87 -23.24 2.79
C TYR B 49 -11.90 -24.19 2.23
N SER B 50 -11.66 -24.62 1.00
CA SER B 50 -12.57 -25.55 0.33
C SER B 50 -11.73 -26.53 -0.49
N TYR B 51 -11.90 -27.85 -0.28
CA TYR B 51 -11.18 -28.87 -1.07
C TYR B 51 -12.07 -29.38 -2.23
N GLY B 52 -13.07 -28.56 -2.60
CA GLY B 52 -13.96 -28.88 -3.72
C GLY B 52 -15.32 -28.22 -3.69
N ALA B 53 -15.97 -28.12 -4.89
CA ALA B 53 -17.31 -27.53 -5.07
C ALA B 53 -18.33 -28.13 -4.05
N GLY B 54 -19.12 -27.25 -3.43
CA GLY B 54 -20.15 -27.59 -2.45
C GLY B 54 -19.67 -27.76 -1.02
N SER B 55 -18.33 -27.79 -0.78
CA SER B 55 -17.84 -28.07 0.57
C SER B 55 -16.93 -27.01 1.10
N THR B 56 -16.94 -26.86 2.44
CA THR B 56 -16.04 -25.90 3.09
C THR B 56 -15.47 -26.55 4.33
N GLU B 57 -14.27 -26.11 4.72
CA GLU B 57 -13.51 -26.55 5.89
C GLU B 57 -13.03 -25.37 6.71
N LYS B 58 -12.99 -25.52 8.04
CA LYS B 58 -12.45 -24.48 8.93
C LYS B 58 -10.94 -24.41 8.77
N GLY B 59 -10.43 -23.18 8.72
CA GLY B 59 -9.00 -22.91 8.64
C GLY B 59 -8.43 -22.80 10.05
N ASP B 60 -7.38 -21.98 10.21
CA ASP B 60 -6.73 -21.78 11.50
C ASP B 60 -7.54 -20.88 12.42
N ILE B 61 -8.16 -19.81 11.87
CA ILE B 61 -8.92 -18.84 12.67
C ILE B 61 -10.36 -18.67 12.09
N PRO B 62 -11.19 -19.71 12.18
CA PRO B 62 -12.53 -19.62 11.58
C PRO B 62 -13.57 -18.80 12.33
N ASP B 63 -13.34 -18.54 13.65
CA ASP B 63 -14.36 -17.89 14.50
C ASP B 63 -14.81 -16.54 13.99
N GLY B 64 -16.14 -16.40 13.90
CA GLY B 64 -16.76 -15.15 13.42
C GLY B 64 -17.00 -15.15 11.92
N TYR B 65 -16.58 -16.21 11.23
CA TYR B 65 -16.76 -16.30 9.79
C TYR B 65 -17.41 -17.60 9.36
N LYS B 66 -18.14 -17.56 8.26
CA LYS B 66 -18.70 -18.74 7.60
C LYS B 66 -18.20 -18.69 6.18
N ALA B 67 -18.20 -19.82 5.47
CA ALA B 67 -17.78 -19.85 4.08
C ALA B 67 -18.81 -20.59 3.23
N SER B 68 -18.84 -20.28 1.95
CA SER B 68 -19.74 -20.93 1.00
C SER B 68 -19.01 -21.19 -0.31
N ARG B 69 -19.06 -22.45 -0.84
CA ARG B 69 -18.45 -22.80 -2.12
C ARG B 69 -19.62 -23.26 -3.01
N PRO B 70 -20.43 -22.33 -3.57
CA PRO B 70 -21.63 -22.77 -4.33
C PRO B 70 -21.32 -23.41 -5.70
N SER B 71 -20.11 -23.23 -6.22
CA SER B 71 -19.65 -23.77 -7.50
C SER B 71 -18.14 -23.94 -7.47
N GLN B 72 -17.54 -24.57 -8.52
CA GLN B 72 -16.08 -24.70 -8.61
C GLN B 72 -15.41 -23.31 -8.66
N GLU B 73 -16.07 -22.33 -9.28
CA GLU B 73 -15.53 -20.99 -9.55
C GLU B 73 -15.61 -20.01 -8.38
N ASN B 74 -16.69 -20.07 -7.56
CA ASN B 74 -16.98 -19.11 -6.50
C ASN B 74 -16.75 -19.62 -5.08
N PHE B 75 -16.15 -18.75 -4.27
CA PHE B 75 -15.91 -19.00 -2.84
C PHE B 75 -16.18 -17.71 -2.09
N SER B 76 -17.19 -17.73 -1.22
CA SER B 76 -17.60 -16.57 -0.48
C SER B 76 -17.23 -16.70 0.99
N LEU B 77 -16.96 -15.55 1.63
CA LEU B 77 -16.67 -15.41 3.05
C LEU B 77 -17.78 -14.59 3.65
N ILE B 78 -18.48 -15.14 4.65
CA ILE B 78 -19.61 -14.43 5.24
C ILE B 78 -19.35 -14.09 6.71
N LEU B 79 -19.50 -12.81 7.06
CA LEU B 79 -19.44 -12.28 8.44
C LEU B 79 -20.88 -12.03 8.85
N GLU B 80 -21.52 -12.98 9.57
CA GLU B 80 -22.93 -12.80 9.96
C GLU B 80 -23.13 -11.60 10.87
N LEU B 81 -22.18 -11.34 11.77
CA LEU B 81 -22.29 -10.22 12.72
C LEU B 81 -20.94 -9.55 12.83
N ALA B 82 -20.65 -8.62 11.92
CA ALA B 82 -19.34 -7.99 11.86
C ALA B 82 -18.93 -7.35 13.17
N THR B 83 -17.65 -7.53 13.56
CA THR B 83 -17.09 -6.93 14.78
C THR B 83 -15.84 -6.10 14.37
N PRO B 84 -15.47 -5.03 15.12
CA PRO B 84 -14.31 -4.21 14.74
C PRO B 84 -12.99 -5.00 14.56
N SER B 85 -12.80 -6.14 15.27
CA SER B 85 -11.59 -6.98 15.13
C SER B 85 -11.52 -7.62 13.72
N GLN B 86 -12.65 -7.62 13.00
CA GLN B 86 -12.67 -8.16 11.63
C GLN B 86 -12.22 -7.11 10.58
N THR B 87 -11.87 -5.88 11.03
CA THR B 87 -11.24 -4.88 10.16
C THR B 87 -9.89 -5.49 9.73
N SER B 88 -9.72 -5.70 8.43
CA SER B 88 -8.52 -6.36 7.91
C SER B 88 -8.52 -6.30 6.37
N VAL B 89 -7.49 -6.88 5.77
CA VAL B 89 -7.41 -7.03 4.33
C VAL B 89 -7.53 -8.52 4.10
N TYR B 90 -8.53 -8.91 3.30
CA TYR B 90 -8.88 -10.30 3.03
C TYR B 90 -8.40 -10.68 1.65
N PHE B 91 -7.71 -11.83 1.58
CA PHE B 91 -7.24 -12.40 0.34
C PHE B 91 -7.78 -13.78 0.11
N CYS B 92 -8.27 -13.99 -1.08
CA CYS B 92 -8.72 -15.29 -1.54
CA CYS B 92 -8.68 -15.33 -1.43
C CYS B 92 -7.61 -15.89 -2.37
N ALA B 93 -7.48 -17.22 -2.39
CA ALA B 93 -6.47 -17.89 -3.23
C ALA B 93 -7.03 -19.18 -3.79
N SER B 94 -6.44 -19.68 -4.87
CA SER B 94 -6.82 -20.98 -5.43
C SER B 94 -5.54 -21.82 -5.52
N GLY B 95 -5.69 -23.14 -5.57
CA GLY B 95 -4.59 -24.07 -5.68
C GLY B 95 -5.04 -25.38 -6.29
N ASP B 96 -4.15 -26.05 -7.00
CA ASP B 96 -4.46 -27.30 -7.72
C ASP B 96 -3.83 -28.51 -7.01
N PRO B 97 -4.65 -29.39 -6.39
CA PRO B 97 -4.08 -30.55 -5.68
C PRO B 97 -3.90 -31.80 -6.56
N GLN B 98 -4.47 -31.80 -7.79
CA GLN B 98 -4.41 -32.91 -8.74
C GLN B 98 -2.99 -33.19 -9.19
N GLY B 99 -2.25 -32.12 -9.48
CA GLY B 99 -0.83 -32.20 -9.86
C GLY B 99 0.04 -32.21 -8.62
N VAL B 100 1.36 -32.27 -8.80
CA VAL B 100 2.25 -32.26 -7.65
C VAL B 100 2.42 -30.90 -7.00
N SER B 101 2.15 -29.82 -7.74
CA SER B 101 2.37 -28.43 -7.26
C SER B 101 1.47 -27.98 -6.10
N TYR B 102 2.11 -27.35 -5.08
CA TYR B 102 1.44 -26.78 -3.91
C TYR B 102 1.31 -25.25 -4.05
N GLU B 103 1.63 -24.71 -5.24
CA GLU B 103 1.56 -23.26 -5.50
C GLU B 103 0.14 -22.71 -5.36
N GLN B 104 -0.01 -21.50 -4.79
CA GLN B 104 -1.31 -20.86 -4.67
C GLN B 104 -1.33 -19.58 -5.47
N TYR B 105 -2.52 -19.23 -5.95
CA TYR B 105 -2.78 -18.08 -6.83
C TYR B 105 -3.71 -17.14 -6.12
N PHE B 106 -3.22 -15.91 -5.86
CA PHE B 106 -3.93 -14.96 -5.00
C PHE B 106 -4.73 -13.88 -5.71
N GLY B 107 -5.87 -13.55 -5.11
CA GLY B 107 -6.70 -12.44 -5.50
C GLY B 107 -6.04 -11.14 -5.08
N PRO B 108 -6.60 -10.00 -5.51
CA PRO B 108 -5.98 -8.70 -5.21
C PRO B 108 -6.26 -8.14 -3.81
N GLY B 109 -7.11 -8.81 -3.04
CA GLY B 109 -7.41 -8.36 -1.69
C GLY B 109 -8.63 -7.44 -1.61
N THR B 110 -9.30 -7.53 -0.47
CA THR B 110 -10.48 -6.74 -0.11
C THR B 110 -10.20 -6.05 1.20
N ARG B 111 -10.27 -4.72 1.23
CA ARG B 111 -10.06 -3.93 2.44
C ARG B 111 -11.40 -3.75 3.15
N LEU B 112 -11.53 -4.32 4.34
CA LEU B 112 -12.77 -4.18 5.10
C LEU B 112 -12.56 -3.37 6.36
N THR B 113 -13.46 -2.41 6.61
CA THR B 113 -13.45 -1.62 7.83
C THR B 113 -14.76 -1.81 8.53
N VAL B 114 -14.72 -2.29 9.77
CA VAL B 114 -15.92 -2.49 10.60
C VAL B 114 -15.90 -1.42 11.66
N LEU B 115 -16.93 -0.56 11.66
CA LEU B 115 -17.02 0.59 12.58
C LEU B 115 -18.25 0.49 13.44
N GLU B 116 -18.20 1.05 14.66
CA GLU B 116 -19.39 1.03 15.52
C GLU B 116 -20.50 1.92 14.92
N ASP B 117 -20.11 3.02 14.23
CA ASP B 117 -21.04 4.00 13.67
C ASP B 117 -20.52 4.59 12.37
N LEU B 118 -21.39 4.71 11.36
CA LEU B 118 -21.04 5.25 10.05
C LEU B 118 -20.82 6.77 10.05
N LYS B 119 -21.12 7.47 11.16
CA LYS B 119 -20.94 8.92 11.23
C LYS B 119 -19.44 9.31 11.31
N ASN B 120 -18.57 8.32 11.51
CA ASN B 120 -17.13 8.53 11.59
C ASN B 120 -16.50 8.48 10.17
N VAL B 121 -17.30 8.16 9.14
CA VAL B 121 -16.82 8.08 7.75
C VAL B 121 -16.83 9.48 7.14
N PHE B 122 -15.67 9.93 6.60
CA PHE B 122 -15.54 11.23 5.97
C PHE B 122 -14.69 11.17 4.72
N PRO B 123 -15.10 11.82 3.62
CA PRO B 123 -14.24 11.83 2.43
C PRO B 123 -13.15 12.86 2.63
N PRO B 124 -12.10 12.82 1.80
CA PRO B 124 -11.06 13.83 1.94
C PRO B 124 -11.44 15.17 1.37
N GLU B 125 -10.78 16.20 1.90
CA GLU B 125 -10.71 17.52 1.32
C GLU B 125 -9.38 17.51 0.56
N VAL B 126 -9.35 18.07 -0.66
CA VAL B 126 -8.13 18.02 -1.46
C VAL B 126 -7.72 19.42 -1.88
N ALA B 127 -6.41 19.71 -1.77
CA ALA B 127 -5.87 21.01 -2.13
C ALA B 127 -4.52 20.82 -2.79
N VAL B 128 -4.23 21.65 -3.79
CA VAL B 128 -2.97 21.65 -4.52
C VAL B 128 -2.27 22.99 -4.18
N PHE B 129 -0.97 22.89 -3.87
CA PHE B 129 -0.09 23.99 -3.48
C PHE B 129 0.91 24.15 -4.60
N GLU B 130 0.98 25.37 -5.13
CA GLU B 130 1.79 25.69 -6.30
C GLU B 130 3.27 25.86 -5.96
N PRO B 131 4.15 25.63 -6.96
CA PRO B 131 5.60 25.62 -6.70
C PRO B 131 6.16 26.95 -6.20
N SER B 132 7.21 26.86 -5.36
CA SER B 132 7.92 28.02 -4.84
C SER B 132 8.78 28.67 -5.95
N GLU B 133 8.73 30.01 -6.11
CA GLU B 133 9.60 30.71 -7.07
C GLU B 133 11.07 30.54 -6.70
N ALA B 134 11.34 30.38 -5.39
CA ALA B 134 12.71 30.18 -4.88
C ALA B 134 13.25 28.81 -5.35
N GLU B 135 12.39 27.77 -5.33
CA GLU B 135 12.86 26.46 -5.83
C GLU B 135 13.14 26.57 -7.32
N ILE B 136 12.21 27.17 -8.08
CA ILE B 136 12.35 27.34 -9.54
C ILE B 136 13.65 28.09 -9.86
N SER B 137 13.91 29.21 -9.18
CA SER B 137 15.09 29.99 -9.51
C SER B 137 16.40 29.27 -9.17
N HIS B 138 16.43 28.47 -8.09
CA HIS B 138 17.66 27.77 -7.68
C HIS B 138 17.92 26.45 -8.43
N THR B 139 16.85 25.71 -8.77
CA THR B 139 16.97 24.35 -9.32
C THR B 139 16.44 24.16 -10.74
N GLN B 140 15.66 25.15 -11.29
CA GLN B 140 14.96 25.10 -12.58
CA GLN B 140 15.05 25.04 -12.62
C GLN B 140 13.99 23.87 -12.58
N LYS B 141 13.54 23.47 -11.38
CA LYS B 141 12.53 22.43 -11.18
C LYS B 141 11.42 23.04 -10.37
N ALA B 142 10.23 22.42 -10.43
CA ALA B 142 9.03 22.93 -9.79
C ALA B 142 8.25 21.82 -9.16
N THR B 143 8.12 21.85 -7.82
CA THR B 143 7.39 20.82 -7.11
C THR B 143 6.03 21.32 -6.71
N LEU B 144 5.00 20.62 -7.14
CA LEU B 144 3.64 20.84 -6.66
C LEU B 144 3.39 19.89 -5.50
N VAL B 145 2.55 20.29 -4.53
CA VAL B 145 2.18 19.46 -3.40
C VAL B 145 0.66 19.30 -3.39
N CYS B 146 0.21 18.07 -3.21
CA CYS B 146 -1.20 17.78 -3.04
C CYS B 146 -1.41 17.36 -1.60
N LEU B 147 -2.43 17.90 -0.92
CA LEU B 147 -2.74 17.54 0.45
CA LEU B 147 -2.75 17.50 0.45
C LEU B 147 -4.17 17.02 0.54
N ALA B 148 -4.35 15.75 0.96
CA ALA B 148 -5.69 15.16 1.17
C ALA B 148 -5.88 15.11 2.69
N THR B 149 -6.90 15.78 3.20
CA THR B 149 -7.09 15.86 4.65
C THR B 149 -8.51 15.52 5.12
N GLY B 150 -8.61 15.13 6.40
CA GLY B 150 -9.86 14.86 7.07
C GLY B 150 -10.63 13.63 6.64
N PHE B 151 -9.95 12.63 6.07
CA PHE B 151 -10.68 11.43 5.62
C PHE B 151 -10.67 10.28 6.62
N TYR B 152 -11.69 9.43 6.54
CA TYR B 152 -11.80 8.26 7.39
C TYR B 152 -12.76 7.28 6.73
N PRO B 153 -12.41 5.99 6.52
CA PRO B 153 -11.18 5.26 6.92
C PRO B 153 -9.94 5.76 6.17
N ASP B 154 -8.74 5.27 6.57
CA ASP B 154 -7.44 5.73 6.07
C ASP B 154 -7.06 5.31 4.66
N HIS B 155 -7.88 4.52 3.97
CA HIS B 155 -7.44 4.14 2.62
C HIS B 155 -8.01 5.02 1.50
N VAL B 156 -7.09 5.65 0.76
CA VAL B 156 -7.36 6.47 -0.40
C VAL B 156 -6.35 6.11 -1.48
N GLU B 157 -6.61 6.46 -2.73
CA GLU B 157 -5.63 6.26 -3.80
C GLU B 157 -5.46 7.60 -4.50
N LEU B 158 -4.27 8.19 -4.33
CA LEU B 158 -3.93 9.48 -4.90
C LEU B 158 -3.17 9.32 -6.21
N SER B 159 -3.55 10.11 -7.23
CA SER B 159 -2.84 10.10 -8.50
C SER B 159 -2.78 11.51 -9.08
N TRP B 160 -1.79 11.75 -9.93
CA TRP B 160 -1.62 13.03 -10.60
C TRP B 160 -1.96 12.90 -12.05
N TRP B 161 -2.67 13.90 -12.58
CA TRP B 161 -3.13 13.94 -13.96
C TRP B 161 -2.69 15.25 -14.58
N VAL B 162 -1.91 15.15 -15.66
CA VAL B 162 -1.35 16.30 -16.35
C VAL B 162 -1.90 16.28 -17.77
N ASN B 163 -2.57 17.39 -18.17
CA ASN B 163 -3.20 17.53 -19.50
C ASN B 163 -4.11 16.33 -19.79
N GLY B 164 -4.87 15.92 -18.77
CA GLY B 164 -5.85 14.85 -18.81
C GLY B 164 -5.32 13.43 -18.82
N LYS B 165 -4.00 13.24 -18.63
CA LYS B 165 -3.39 11.91 -18.62
C LYS B 165 -2.65 11.67 -17.33
N GLU B 166 -2.86 10.49 -16.72
CA GLU B 166 -2.24 10.06 -15.47
C GLU B 166 -0.74 10.02 -15.64
N VAL B 167 0.00 10.58 -14.69
CA VAL B 167 1.47 10.57 -14.81
C VAL B 167 2.05 9.47 -13.93
N HIS B 168 3.15 8.85 -14.41
CA HIS B 168 3.77 7.72 -13.70
C HIS B 168 5.25 7.98 -13.34
N SER B 169 5.72 9.20 -13.58
CA SER B 169 7.07 9.64 -13.20
C SER B 169 7.00 10.99 -12.51
N GLY B 170 8.05 11.32 -11.75
CA GLY B 170 8.17 12.60 -11.04
C GLY B 170 7.25 12.74 -9.84
N VAL B 171 6.66 11.60 -9.38
CA VAL B 171 5.70 11.60 -8.27
CA VAL B 171 5.71 11.61 -8.27
C VAL B 171 6.12 10.68 -7.11
N CYS B 172 5.71 11.02 -5.91
CA CYS B 172 5.81 10.14 -4.78
C CYS B 172 4.76 10.56 -3.78
N THR B 173 4.14 9.57 -3.16
CA THR B 173 3.10 9.80 -2.15
C THR B 173 3.62 9.25 -0.82
N ASP B 174 3.23 9.88 0.30
CA ASP B 174 3.66 9.42 1.63
C ASP B 174 3.44 7.91 1.81
N PRO B 175 4.40 7.19 2.43
CA PRO B 175 4.23 5.73 2.59
C PRO B 175 2.91 5.40 3.29
N GLN B 176 2.55 6.17 4.32
CA GLN B 176 1.31 5.96 5.09
C GLN B 176 0.58 7.28 5.36
N PRO B 177 -0.76 7.29 5.50
CA PRO B 177 -1.42 8.52 5.95
C PRO B 177 -1.09 8.83 7.41
N LEU B 178 -1.17 10.10 7.81
CA LEU B 178 -0.89 10.43 9.21
C LEU B 178 -2.20 10.77 9.94
N LYS B 179 -2.22 10.52 11.26
CA LYS B 179 -3.37 10.84 12.10
C LYS B 179 -3.38 12.33 12.38
N GLU B 180 -4.50 12.98 12.09
CA GLU B 180 -4.65 14.42 12.35
C GLU B 180 -4.71 14.74 13.85
N GLN B 181 -5.19 13.77 14.66
CA GLN B 181 -5.30 13.84 16.12
C GLN B 181 -4.79 12.50 16.69
N PRO B 182 -3.45 12.31 16.82
CA PRO B 182 -2.91 10.99 17.24
C PRO B 182 -3.42 10.42 18.58
N ALA B 183 -3.76 11.30 19.53
CA ALA B 183 -4.27 10.90 20.85
C ALA B 183 -5.67 10.33 20.78
N LEU B 184 -6.44 10.74 19.75
CA LEU B 184 -7.83 10.36 19.54
C LEU B 184 -8.04 9.04 18.83
N ASN B 185 -9.02 8.27 19.33
CA ASN B 185 -9.52 7.05 18.71
C ASN B 185 -10.55 7.53 17.69
N ASP B 186 -10.52 6.99 16.46
CA ASP B 186 -11.38 7.41 15.35
C ASP B 186 -10.88 8.78 14.79
N SER B 187 -9.55 9.02 14.87
CA SER B 187 -8.93 10.22 14.31
C SER B 187 -9.00 10.14 12.79
N ARG B 188 -9.23 11.31 12.15
CA ARG B 188 -9.25 11.41 10.70
C ARG B 188 -7.79 11.48 10.22
N TYR B 189 -7.62 11.28 8.91
CA TYR B 189 -6.29 11.14 8.36
C TYR B 189 -5.94 12.20 7.34
N ALA B 190 -4.62 12.37 7.13
CA ALA B 190 -4.06 13.23 6.09
C ALA B 190 -3.01 12.50 5.28
N LEU B 191 -2.88 12.87 4.01
CA LEU B 191 -1.90 12.25 3.10
C LEU B 191 -1.45 13.29 2.11
N SER B 192 -0.15 13.30 1.83
CA SER B 192 0.37 14.24 0.86
C SER B 192 1.09 13.51 -0.26
N SER B 193 1.27 14.23 -1.36
CA SER B 193 1.97 13.72 -2.52
C SER B 193 2.68 14.87 -3.20
N ARG B 194 3.78 14.56 -3.90
CA ARG B 194 4.56 15.56 -4.62
C ARG B 194 4.59 15.22 -6.08
N LEU B 195 4.50 16.22 -6.94
CA LEU B 195 4.76 16.11 -8.37
C LEU B 195 5.86 17.12 -8.72
N ARG B 196 6.97 16.67 -9.28
CA ARG B 196 8.05 17.60 -9.63
C ARG B 196 8.24 17.59 -11.14
N VAL B 197 8.23 18.79 -11.76
CA VAL B 197 8.35 18.92 -13.21
C VAL B 197 9.42 19.95 -13.50
N SER B 198 9.75 20.15 -14.79
CA SER B 198 10.72 21.22 -15.06
C SER B 198 10.09 22.60 -14.84
N ALA B 199 10.91 23.60 -14.55
CA ALA B 199 10.34 24.95 -14.35
C ALA B 199 9.60 25.41 -15.61
N THR B 200 10.18 25.15 -16.80
CA THR B 200 9.53 25.60 -18.05
C THR B 200 8.18 24.88 -18.29
N PHE B 201 8.02 23.64 -17.85
CA PHE B 201 6.77 22.91 -18.00
C PHE B 201 5.72 23.54 -17.09
N TRP B 202 6.07 23.79 -15.81
CA TRP B 202 5.15 24.44 -14.87
C TRP B 202 4.79 25.85 -15.37
N GLN B 203 5.74 26.59 -15.91
CA GLN B 203 5.51 27.98 -16.33
C GLN B 203 4.60 28.13 -17.56
N ASN B 204 4.34 27.04 -18.28
CA ASN B 204 3.51 27.08 -19.49
C ASN B 204 2.03 27.06 -19.09
N PRO B 205 1.26 28.14 -19.41
CA PRO B 205 -0.16 28.16 -19.02
C PRO B 205 -1.07 27.20 -19.79
N ARG B 206 -0.54 26.49 -20.78
CA ARG B 206 -1.30 25.49 -21.52
C ARG B 206 -1.30 24.15 -20.74
N ASN B 207 -0.44 24.05 -19.72
CA ASN B 207 -0.34 22.82 -18.95
C ASN B 207 -1.26 22.86 -17.74
N HIS B 208 -2.03 21.79 -17.55
CA HIS B 208 -3.02 21.64 -16.48
C HIS B 208 -2.57 20.55 -15.55
N PHE B 209 -2.70 20.76 -14.23
CA PHE B 209 -2.25 19.80 -13.23
C PHE B 209 -3.38 19.48 -12.31
N ARG B 210 -3.64 18.20 -12.11
CA ARG B 210 -4.72 17.84 -11.20
C ARG B 210 -4.32 16.71 -10.31
N CYS B 211 -4.62 16.86 -9.02
CA CYS B 211 -4.43 15.81 -8.05
CA CYS B 211 -4.41 15.69 -8.18
C CYS B 211 -5.78 15.16 -7.80
N GLN B 212 -5.89 13.87 -7.99
CA GLN B 212 -7.11 13.09 -7.81
C GLN B 212 -6.97 12.18 -6.64
N VAL B 213 -7.98 12.16 -5.77
CA VAL B 213 -7.96 11.22 -4.65
C VAL B 213 -9.22 10.33 -4.69
N GLN B 214 -9.03 9.04 -4.97
CA GLN B 214 -10.11 8.06 -4.90
C GLN B 214 -10.34 7.71 -3.44
N PHE B 215 -11.53 7.93 -2.96
CA PHE B 215 -11.88 7.59 -1.59
C PHE B 215 -12.87 6.42 -1.60
N TYR B 216 -12.70 5.46 -0.67
CA TYR B 216 -13.65 4.36 -0.56
C TYR B 216 -14.43 4.54 0.72
N GLY B 217 -15.74 4.74 0.58
CA GLY B 217 -16.62 4.98 1.71
C GLY B 217 -17.84 4.10 1.70
N LEU B 218 -18.99 4.72 1.90
CA LEU B 218 -20.25 4.01 1.91
C LEU B 218 -20.72 3.64 0.51
N SER B 219 -21.64 2.68 0.44
CA SER B 219 -22.16 2.28 -0.84
C SER B 219 -23.55 2.87 -1.01
N GLU B 220 -24.15 2.73 -2.22
CA GLU B 220 -25.49 3.22 -2.55
C GLU B 220 -26.53 2.64 -1.60
N ASN B 221 -26.42 1.33 -1.31
CA ASN B 221 -27.33 0.57 -0.44
C ASN B 221 -27.27 0.99 1.05
N ASP B 222 -26.20 1.69 1.50
CA ASP B 222 -26.11 2.12 2.91
C ASP B 222 -27.11 3.22 3.18
N GLU B 223 -27.78 3.16 4.33
CA GLU B 223 -28.75 4.18 4.73
C GLU B 223 -28.00 5.40 5.25
N TRP B 224 -28.48 6.58 4.88
CA TRP B 224 -27.89 7.83 5.34
C TRP B 224 -28.99 8.85 5.52
N THR B 225 -29.10 9.41 6.72
CA THR B 225 -30.15 10.38 7.04
C THR B 225 -29.59 11.60 7.74
N GLN B 226 -28.26 11.79 7.70
CA GLN B 226 -27.58 12.94 8.32
C GLN B 226 -27.69 14.18 7.44
N ASP B 227 -27.35 15.35 8.03
CA ASP B 227 -27.40 16.66 7.39
C ASP B 227 -26.30 16.80 6.35
N ARG B 228 -25.06 16.39 6.68
CA ARG B 228 -23.94 16.48 5.75
C ARG B 228 -24.10 15.46 4.60
N ALA B 229 -23.40 15.71 3.48
CA ALA B 229 -23.45 14.85 2.30
C ALA B 229 -23.06 13.42 2.65
N LYS B 230 -23.76 12.43 2.08
CA LYS B 230 -23.45 11.02 2.30
C LYS B 230 -21.99 10.73 1.92
N PRO B 231 -21.15 10.16 2.82
CA PRO B 231 -19.74 9.95 2.47
C PRO B 231 -19.54 8.67 1.66
N VAL B 232 -20.18 8.61 0.48
CA VAL B 232 -20.04 7.49 -0.44
C VAL B 232 -18.66 7.45 -1.09
N THR B 233 -18.30 6.28 -1.62
CA THR B 233 -17.10 6.15 -2.46
C THR B 233 -17.19 7.25 -3.53
N GLN B 234 -16.09 7.99 -3.72
CA GLN B 234 -16.09 9.14 -4.63
C GLN B 234 -14.70 9.54 -4.97
N ILE B 235 -14.55 10.42 -5.96
CA ILE B 235 -13.24 10.95 -6.32
C ILE B 235 -13.25 12.46 -5.99
N VAL B 236 -12.28 12.91 -5.19
CA VAL B 236 -12.13 14.33 -4.83
C VAL B 236 -10.84 14.82 -5.48
N SER B 237 -10.93 15.91 -6.26
CA SER B 237 -9.79 16.46 -6.99
C SER B 237 -9.57 17.93 -6.72
N ALA B 238 -8.34 18.39 -6.99
CA ALA B 238 -7.95 19.81 -6.95
C ALA B 238 -7.04 20.00 -8.11
N GLU B 239 -7.13 21.15 -8.76
CA GLU B 239 -6.37 21.42 -9.97
C GLU B 239 -5.76 22.81 -9.99
N ALA B 240 -4.76 22.97 -10.84
CA ALA B 240 -4.03 24.21 -11.05
C ALA B 240 -3.55 24.29 -12.49
N TRP B 241 -3.60 25.48 -13.05
CA TRP B 241 -3.04 25.67 -14.40
C TRP B 241 -1.62 26.16 -14.25
N GLY B 242 -0.78 25.85 -15.22
CA GLY B 242 0.59 26.36 -15.23
C GLY B 242 0.54 27.88 -15.40
N ARG B 243 1.63 28.56 -15.04
CA ARG B 243 1.68 30.03 -15.11
C ARG B 243 3.11 30.50 -15.08
N ALA B 244 3.37 31.55 -15.84
CA ALA B 244 4.71 32.14 -15.93
C ALA B 244 5.14 32.77 -14.60
N ASP B 245 4.21 33.58 -14.04
CA ASP B 245 4.25 34.47 -12.87
C ASP B 245 5.39 35.49 -12.98
#